data_9OG3
#
_entry.id   9OG3
#
_cell.length_a   65.370
_cell.length_b   68.717
_cell.length_c   108.069
_cell.angle_alpha   90.00
_cell.angle_beta   90.00
_cell.angle_gamma   90.00
#
_symmetry.space_group_name_H-M   'P 21 21 21'
#
loop_
_entity.id
_entity.type
_entity.pdbx_description
1 polymer "Bifunctional 3'-5' exonuclease/ATP-dependent helicase WRN"
2 non-polymer (3R,4S)-N-[(2R)-3-cyclohexyl-1-(dimethylamino)-1-oxopropan-2-yl]-1-[(2-fluoro-4-methylphenyl)acetyl]-4-[3-(2-oxo-2,3-dihydro-1H-1,3-benzimidazol-1-yl)propanamido]piperidine-3-carboxamide
3 non-polymer 'ZINC ION'
4 water water
#
_entity_poly.entity_id   1
_entity_poly.type   'polypeptide(L)'
_entity_poly.pdbx_seq_one_letter_code
;SGSDFLWPAPNEEQVTCLKMYFGHSSFKPVQWKVIHSVLEERRDNVAVMATGYGKSLCFQYPPVYVGKIGLVISPLISLM
EDQVLQLKMSNIPACFLGSAQSENVLTDIKLGKYRIVYVTPEYCSGNMGLLQQLEADIGITLIAVDEAHCISEWGHDFRD
SFRKLGSLKTALPMVPIVALTATASSSIREDIVRCLNLRNPQITCTGFDRPNLYLEVRRKTGNILQDLQPFLVKTSSHWE
FEGPTIIYCPSRKMTQQVTGELRKLNLSCGTYHAGMSFSTRKDIHHRFVRDEIQCVIATIAFGMGINKADIRQVIHYGAP
KDMESYYQEIGRAGRDGLQSSCHVLWAPADINLNRHLLTEIRNEKFRLYKLKMMAKMEKYLHSSRCRRQIILSHFEDKQV
QKASLGIMGTEKCCDNCRSRLDHC
;
_entity_poly.pdbx_strand_id   A
#
loop_
_chem_comp.id
_chem_comp.type
_chem_comp.name
_chem_comp.formula
A1CA4 non-polymer (3R,4S)-N-[(2R)-3-cyclohexyl-1-(dimethylamino)-1-oxopropan-2-yl]-1-[(2-fluoro-4-methylphenyl)acetyl]-4-[3-(2-oxo-2,3-dihydro-1H-1,3-benzimidazol-1-yl)propanamido]piperidine-3-carboxamide 'C36 H47 F N6 O5'
ZN non-polymer 'ZINC ION' 'Zn 2'
#
# COMPACT_ATOMS: atom_id res chain seq x y z
N SER A 1 -19.00 -1.10 -2.82
CA SER A 1 -18.45 0.03 -2.08
C SER A 1 -17.52 0.87 -2.95
N GLY A 2 -18.09 1.54 -3.95
CA GLY A 2 -17.32 2.30 -4.92
C GLY A 2 -16.41 3.35 -4.31
N SER A 3 -16.99 4.32 -3.58
CA SER A 3 -16.23 5.40 -2.98
C SER A 3 -16.34 5.40 -1.46
N ASP A 4 -16.61 4.24 -0.85
CA ASP A 4 -16.91 4.20 0.57
C ASP A 4 -15.69 4.53 1.41
N PHE A 5 -14.66 3.68 1.36
CA PHE A 5 -13.51 3.76 2.27
C PHE A 5 -12.28 4.35 1.60
N LEU A 6 -12.46 5.38 0.78
CA LEU A 6 -11.36 6.00 0.05
C LEU A 6 -11.41 7.51 0.23
N TRP A 7 -10.25 8.12 0.49
CA TRP A 7 -10.15 9.57 0.56
C TRP A 7 -8.90 10.01 -0.20
N PRO A 8 -9.02 10.98 -1.13
CA PRO A 8 -10.24 11.68 -1.55
C PRO A 8 -11.25 10.76 -2.22
N ALA A 9 -12.54 11.01 -2.07
CA ALA A 9 -13.55 10.10 -2.57
C ALA A 9 -13.59 10.14 -4.10
N PRO A 10 -13.59 8.99 -4.77
CA PRO A 10 -13.80 8.99 -6.22
C PRO A 10 -15.18 9.51 -6.55
N ASN A 11 -15.24 10.46 -7.49
CA ASN A 11 -16.52 11.01 -7.86
C ASN A 11 -17.33 10.00 -8.67
N GLU A 12 -18.59 10.36 -8.94
CA GLU A 12 -19.52 9.40 -9.51
C GLU A 12 -19.19 9.07 -10.96
N GLU A 13 -18.62 10.03 -11.70
CA GLU A 13 -18.16 9.74 -13.06
C GLU A 13 -17.04 8.72 -13.06
N GLN A 14 -16.13 8.81 -12.08
CA GLN A 14 -15.03 7.86 -12.00
C GLN A 14 -15.52 6.45 -11.69
N VAL A 15 -16.48 6.33 -10.76
CA VAL A 15 -17.05 5.03 -10.45
C VAL A 15 -17.79 4.47 -11.66
N THR A 16 -18.49 5.35 -12.38
CA THR A 16 -19.19 4.90 -13.59
C THR A 16 -18.20 4.38 -14.63
N CYS A 17 -17.11 5.11 -14.86
CA CYS A 17 -16.10 4.65 -15.81
C CYS A 17 -15.50 3.32 -15.39
N LEU A 18 -15.18 3.18 -14.09
CA LEU A 18 -14.64 1.91 -13.60
C LEU A 18 -15.60 0.77 -13.88
N LYS A 19 -16.86 0.92 -13.46
CA LYS A 19 -17.83 -0.16 -13.63
C LYS A 19 -18.04 -0.50 -15.10
N MET A 20 -18.05 0.51 -15.98
CA MET A 20 -18.42 0.27 -17.36
C MET A 20 -17.28 -0.25 -18.22
N TYR A 21 -16.04 0.19 -17.97
CA TYR A 21 -14.93 -0.24 -18.80
C TYR A 21 -14.09 -1.35 -18.18
N PHE A 22 -14.18 -1.58 -16.87
CA PHE A 22 -13.37 -2.60 -16.23
C PHE A 22 -14.19 -3.61 -15.43
N GLY A 23 -15.50 -3.44 -15.34
CA GLY A 23 -16.35 -4.42 -14.68
C GLY A 23 -16.12 -4.57 -13.19
N HIS A 24 -15.50 -3.59 -12.55
CA HIS A 24 -15.26 -3.61 -11.12
C HIS A 24 -16.18 -2.60 -10.43
N SER A 25 -16.52 -2.91 -9.18
CA SER A 25 -17.42 -2.07 -8.40
C SER A 25 -16.71 -1.12 -7.46
N SER A 26 -15.40 -1.29 -7.26
CA SER A 26 -14.68 -0.44 -6.32
C SER A 26 -13.19 -0.48 -6.64
N PHE A 27 -12.48 0.56 -6.20
CA PHE A 27 -11.03 0.60 -6.25
C PHE A 27 -10.47 0.00 -4.96
N LYS A 28 -9.43 -0.81 -5.10
CA LYS A 28 -8.65 -1.20 -3.93
C LYS A 28 -7.84 0.00 -3.44
N PRO A 29 -7.54 0.05 -2.14
CA PRO A 29 -6.89 1.26 -1.59
C PRO A 29 -5.62 1.70 -2.31
N VAL A 30 -4.68 0.78 -2.55
CA VAL A 30 -3.43 1.17 -3.21
C VAL A 30 -3.68 1.51 -4.67
N GLN A 31 -4.62 0.83 -5.32
CA GLN A 31 -4.99 1.18 -6.69
C GLN A 31 -5.49 2.61 -6.76
N TRP A 32 -6.38 3.00 -5.85
CA TRP A 32 -6.88 4.37 -5.84
C TRP A 32 -5.78 5.35 -5.47
N LYS A 33 -4.87 4.97 -4.58
CA LYS A 33 -3.77 5.86 -4.24
C LYS A 33 -2.93 6.18 -5.48
N VAL A 34 -2.53 5.15 -6.22
CA VAL A 34 -1.73 5.35 -7.42
C VAL A 34 -2.51 6.15 -8.46
N ILE A 35 -3.75 5.76 -8.71
CA ILE A 35 -4.56 6.41 -9.74
C ILE A 35 -4.76 7.88 -9.43
N HIS A 36 -5.08 8.20 -8.16
CA HIS A 36 -5.32 9.57 -7.78
C HIS A 36 -4.04 10.40 -7.83
N SER A 37 -2.92 9.84 -7.37
CA SER A 37 -1.66 10.57 -7.48
C SER A 37 -1.35 10.90 -8.93
N VAL A 38 -1.52 9.92 -9.83
CA VAL A 38 -1.25 10.15 -11.25
C VAL A 38 -2.19 11.22 -11.82
N LEU A 39 -3.49 11.12 -11.51
CA LEU A 39 -4.48 11.99 -12.14
C LEU A 39 -4.42 13.42 -11.61
N GLU A 40 -4.26 13.60 -10.31
CA GLU A 40 -4.37 14.92 -9.70
C GLU A 40 -3.03 15.57 -9.39
N GLU A 41 -1.99 14.78 -9.09
CA GLU A 41 -0.70 15.34 -8.74
C GLU A 41 0.35 15.18 -9.83
N ARG A 42 0.06 14.40 -10.88
CA ARG A 42 1.01 14.13 -11.96
C ARG A 42 2.33 13.61 -11.39
N ARG A 43 2.23 12.75 -10.38
CA ARG A 43 3.36 12.35 -9.57
C ARG A 43 3.87 10.98 -9.99
N ASP A 44 5.19 10.83 -10.03
CA ASP A 44 5.80 9.54 -10.29
C ASP A 44 5.45 8.55 -9.18
N ASN A 45 5.49 7.28 -9.53
CA ASN A 45 5.10 6.21 -8.61
C ASN A 45 6.07 5.04 -8.73
N VAL A 46 6.44 4.49 -7.57
CA VAL A 46 7.12 3.20 -7.50
C VAL A 46 6.19 2.27 -6.72
N ALA A 47 5.64 1.27 -7.42
CA ALA A 47 4.57 0.44 -6.89
C ALA A 47 5.04 -1.01 -6.85
N VAL A 48 5.21 -1.54 -5.64
CA VAL A 48 5.60 -2.93 -5.41
C VAL A 48 4.34 -3.71 -5.06
N MET A 49 4.00 -4.66 -5.92
CA MET A 49 2.90 -5.60 -5.69
C MET A 49 3.53 -6.99 -5.55
N ALA A 50 3.57 -7.49 -4.32
CA ALA A 50 4.41 -8.64 -3.99
C ALA A 50 3.99 -9.88 -4.78
N THR A 51 2.69 -10.12 -4.92
CA THR A 51 2.23 -11.34 -5.59
C THR A 51 2.29 -11.23 -7.10
N GLY A 52 2.37 -10.02 -7.65
CA GLY A 52 2.46 -9.80 -9.08
C GLY A 52 1.16 -9.37 -9.72
N TYR A 53 0.03 -9.72 -9.12
CA TYR A 53 -1.28 -9.37 -9.67
C TYR A 53 -1.72 -7.99 -9.20
N GLY A 54 -2.75 -7.47 -9.85
CA GLY A 54 -3.41 -6.26 -9.42
C GLY A 54 -2.77 -4.95 -9.85
N LYS A 55 -1.87 -4.97 -10.84
CA LYS A 55 -1.23 -3.74 -11.29
C LYS A 55 -1.76 -3.23 -12.62
N SER A 56 -2.58 -4.01 -13.32
CA SER A 56 -3.07 -3.57 -14.63
C SER A 56 -3.97 -2.35 -14.51
N LEU A 57 -4.85 -2.33 -13.50
CA LEU A 57 -5.78 -1.21 -13.35
C LEU A 57 -5.03 0.10 -13.13
N CYS A 58 -3.93 0.05 -12.37
CA CYS A 58 -3.21 1.27 -11.99
C CYS A 58 -2.79 2.09 -13.21
N PHE A 59 -2.37 1.43 -14.28
CA PHE A 59 -1.94 2.14 -15.48
C PHE A 59 -2.96 2.08 -16.62
N GLN A 60 -3.97 1.24 -16.54
CA GLN A 60 -5.00 1.21 -17.57
C GLN A 60 -6.14 2.19 -17.31
N TYR A 61 -6.45 2.45 -16.04
CA TYR A 61 -7.64 3.26 -15.74
C TYR A 61 -7.47 4.74 -16.04
N PRO A 62 -6.37 5.40 -15.68
CA PRO A 62 -6.29 6.87 -15.87
C PRO A 62 -6.49 7.30 -17.31
N PRO A 63 -5.77 6.72 -18.29
CA PRO A 63 -5.97 7.20 -19.67
C PRO A 63 -7.35 6.88 -20.22
N VAL A 64 -7.99 5.80 -19.75
CA VAL A 64 -9.36 5.53 -20.15
C VAL A 64 -10.31 6.57 -19.57
N TYR A 65 -10.09 6.96 -18.31
CA TYR A 65 -10.98 7.92 -17.68
C TYR A 65 -10.85 9.30 -18.32
N VAL A 66 -9.62 9.80 -18.48
CA VAL A 66 -9.43 11.13 -19.05
C VAL A 66 -9.53 11.14 -20.57
N GLY A 67 -9.57 9.97 -21.21
CA GLY A 67 -9.72 9.94 -22.65
C GLY A 67 -8.48 10.30 -23.44
N LYS A 68 -7.30 10.17 -22.83
CA LYS A 68 -6.06 10.49 -23.54
C LYS A 68 -5.33 9.20 -23.93
N ILE A 69 -4.02 9.17 -23.75
CA ILE A 69 -3.20 8.02 -24.12
C ILE A 69 -2.34 7.61 -22.93
N GLY A 70 -2.11 6.31 -22.82
CA GLY A 70 -1.20 5.76 -21.84
C GLY A 70 -0.22 4.79 -22.47
N LEU A 71 1.06 4.97 -22.17
CA LEU A 71 2.12 4.12 -22.73
C LEU A 71 2.54 3.09 -21.68
N VAL A 72 2.70 1.84 -22.13
CA VAL A 72 3.08 0.74 -21.26
C VAL A 72 4.33 0.10 -21.84
N ILE A 73 5.45 0.20 -21.11
CA ILE A 73 6.73 -0.37 -21.51
C ILE A 73 6.92 -1.67 -20.76
N SER A 74 7.15 -2.76 -21.50
CA SER A 74 7.31 -4.08 -20.90
C SER A 74 8.06 -4.97 -21.86
N PRO A 75 8.78 -5.98 -21.36
CA PRO A 75 9.42 -6.95 -22.26
C PRO A 75 8.57 -8.20 -22.45
N LEU A 76 7.53 -8.36 -21.64
CA LEU A 76 6.66 -9.53 -21.68
C LEU A 76 5.68 -9.38 -22.84
N ILE A 77 6.06 -9.91 -24.01
CA ILE A 77 5.34 -9.61 -25.23
C ILE A 77 4.00 -10.34 -25.27
N SER A 78 4.00 -11.64 -24.91
CA SER A 78 2.76 -12.40 -24.92
C SER A 78 1.75 -11.82 -23.94
N LEU A 79 2.21 -11.40 -22.76
CA LEU A 79 1.32 -10.77 -21.79
C LEU A 79 0.73 -9.48 -22.33
N MET A 80 1.56 -8.68 -23.01
CA MET A 80 1.07 -7.43 -23.58
C MET A 80 0.03 -7.69 -24.66
N GLU A 81 0.24 -8.71 -25.48
CA GLU A 81 -0.75 -9.05 -26.51
C GLU A 81 -2.06 -9.52 -25.89
N ASP A 82 -1.97 -10.36 -24.85
CA ASP A 82 -3.18 -10.80 -24.16
C ASP A 82 -3.92 -9.62 -23.53
N GLN A 83 -3.18 -8.65 -22.98
CA GLN A 83 -3.83 -7.50 -22.38
C GLN A 83 -4.47 -6.60 -23.44
N VAL A 84 -3.83 -6.48 -24.61
CA VAL A 84 -4.46 -5.75 -25.72
C VAL A 84 -5.76 -6.41 -26.10
N LEU A 85 -5.76 -7.75 -26.20
CA LEU A 85 -6.99 -8.47 -26.51
C LEU A 85 -8.07 -8.20 -25.45
N GLN A 86 -7.70 -8.32 -24.18
CA GLN A 86 -8.68 -8.11 -23.11
C GLN A 86 -9.24 -6.69 -23.13
N LEU A 87 -8.38 -5.70 -23.37
CA LEU A 87 -8.84 -4.31 -23.44
C LEU A 87 -9.80 -4.10 -24.60
N LYS A 88 -9.46 -4.65 -25.77
CA LYS A 88 -10.36 -4.50 -26.92
C LYS A 88 -11.67 -5.25 -26.71
N MET A 89 -11.66 -6.30 -25.89
CA MET A 89 -12.90 -6.98 -25.53
C MET A 89 -13.79 -6.10 -24.66
N SER A 90 -13.23 -5.12 -23.97
CA SER A 90 -13.98 -4.21 -23.12
C SER A 90 -14.26 -2.88 -23.81
N ASN A 91 -14.21 -2.85 -25.14
CA ASN A 91 -14.39 -1.62 -25.92
C ASN A 91 -13.40 -0.53 -25.54
N ILE A 92 -12.18 -0.92 -25.21
CA ILE A 92 -11.09 0.01 -24.91
C ILE A 92 -10.08 -0.10 -26.06
N PRO A 93 -9.93 0.93 -26.89
CA PRO A 93 -8.94 0.87 -27.97
C PRO A 93 -7.53 0.78 -27.41
N ALA A 94 -6.81 -0.27 -27.81
CA ALA A 94 -5.45 -0.48 -27.36
C ALA A 94 -4.69 -1.22 -28.45
N CYS A 95 -3.37 -1.05 -28.47
CA CYS A 95 -2.58 -1.72 -29.49
C CYS A 95 -1.15 -1.92 -28.99
N PHE A 96 -0.50 -2.93 -29.57
CA PHE A 96 0.90 -3.24 -29.30
C PHE A 96 1.73 -2.66 -30.45
N LEU A 97 2.24 -1.46 -30.26
CA LEU A 97 3.02 -0.78 -31.28
C LEU A 97 4.43 -1.35 -31.36
N GLY A 98 4.90 -1.60 -32.57
CA GLY A 98 6.24 -2.12 -32.79
C GLY A 98 6.80 -1.69 -34.13
N SER A 99 7.95 -2.27 -34.51
CA SER A 99 8.55 -1.92 -35.79
C SER A 99 7.72 -2.44 -36.95
N ALA A 100 7.18 -3.64 -36.84
CA ALA A 100 6.39 -4.26 -37.90
C ALA A 100 4.91 -3.90 -37.79
N GLN A 101 4.62 -2.60 -37.72
CA GLN A 101 3.25 -2.10 -37.65
C GLN A 101 2.99 -1.13 -38.79
N SER A 102 1.78 -1.19 -39.34
CA SER A 102 1.43 -0.35 -40.47
C SER A 102 1.38 1.12 -40.06
N GLU A 103 1.71 1.99 -41.01
CA GLU A 103 1.61 3.43 -40.78
C GLU A 103 0.18 3.87 -40.55
N ASN A 104 -0.80 3.08 -41.00
CA ASN A 104 -2.19 3.34 -40.63
C ASN A 104 -2.35 3.36 -39.11
N VAL A 105 -1.82 2.33 -38.44
CA VAL A 105 -1.90 2.26 -36.98
C VAL A 105 -1.10 3.39 -36.35
N LEU A 106 0.04 3.74 -36.95
CA LEU A 106 0.87 4.80 -36.39
C LEU A 106 0.16 6.15 -36.43
N THR A 107 -0.47 6.48 -37.57
CA THR A 107 -1.23 7.72 -37.65
C THR A 107 -2.49 7.65 -36.80
N ASP A 108 -3.08 6.47 -36.62
CA ASP A 108 -4.18 6.34 -35.68
C ASP A 108 -3.74 6.66 -34.26
N ILE A 109 -2.51 6.26 -33.91
CA ILE A 109 -1.96 6.62 -32.60
C ILE A 109 -1.73 8.11 -32.51
N LYS A 110 -1.18 8.72 -33.58
CA LYS A 110 -0.94 10.15 -33.56
C LYS A 110 -2.24 10.95 -33.51
N LEU A 111 -3.32 10.41 -34.08
CA LEU A 111 -4.62 11.05 -34.02
C LEU A 111 -5.32 10.85 -32.70
N GLY A 112 -4.76 10.03 -31.81
CA GLY A 112 -5.33 9.86 -30.49
C GLY A 112 -6.50 8.92 -30.40
N LYS A 113 -6.58 7.92 -31.28
CA LYS A 113 -7.69 6.98 -31.27
C LYS A 113 -7.40 5.73 -30.46
N TYR A 114 -6.19 5.56 -29.96
CA TYR A 114 -5.85 4.45 -29.07
C TYR A 114 -5.68 4.97 -27.66
N ARG A 115 -6.32 4.29 -26.69
CA ARG A 115 -6.19 4.68 -25.30
C ARG A 115 -4.89 4.18 -24.69
N ILE A 116 -4.46 2.96 -25.05
CA ILE A 116 -3.31 2.32 -24.43
C ILE A 116 -2.41 1.76 -25.51
N VAL A 117 -1.13 2.07 -25.43
CA VAL A 117 -0.13 1.62 -26.40
C VAL A 117 0.95 0.87 -25.65
N TYR A 118 1.09 -0.43 -25.96
CA TYR A 118 2.14 -1.25 -25.39
C TYR A 118 3.34 -1.25 -26.32
N VAL A 119 4.54 -1.03 -25.77
CA VAL A 119 5.78 -1.03 -26.53
C VAL A 119 6.84 -1.78 -25.75
N THR A 120 7.86 -2.24 -26.45
CA THR A 120 9.04 -2.80 -25.84
C THR A 120 9.99 -1.68 -25.45
N PRO A 121 10.89 -1.91 -24.48
CA PRO A 121 11.87 -0.87 -24.14
C PRO A 121 12.78 -0.51 -25.29
N GLU A 122 13.13 -1.48 -26.15
CA GLU A 122 13.95 -1.20 -27.32
C GLU A 122 13.26 -0.21 -28.25
N TYR A 123 12.01 -0.52 -28.63
CA TYR A 123 11.26 0.38 -29.50
C TYR A 123 11.05 1.74 -28.84
N CYS A 124 10.79 1.74 -27.53
CA CYS A 124 10.57 3.01 -26.83
C CYS A 124 11.81 3.88 -26.86
N SER A 125 12.99 3.29 -26.63
CA SER A 125 14.23 4.05 -26.73
C SER A 125 14.55 4.43 -28.18
N GLY A 126 14.02 3.70 -29.15
CA GLY A 126 14.27 4.03 -30.54
C GLY A 126 13.40 5.11 -31.14
N ASN A 127 12.31 5.50 -30.46
CA ASN A 127 11.35 6.45 -31.00
C ASN A 127 10.89 7.42 -29.91
N MET A 128 11.82 8.18 -29.35
CA MET A 128 11.46 9.17 -28.34
C MET A 128 10.74 10.37 -28.96
N GLY A 129 11.09 10.72 -30.21
CA GLY A 129 10.41 11.81 -30.86
C GLY A 129 8.93 11.55 -31.07
N LEU A 130 8.58 10.29 -31.38
CA LEU A 130 7.17 9.92 -31.49
C LEU A 130 6.45 10.12 -30.15
N LEU A 131 7.10 9.73 -29.05
CA LEU A 131 6.50 9.92 -27.73
C LEU A 131 6.31 11.41 -27.43
N GLN A 132 7.29 12.23 -27.80
CA GLN A 132 7.17 13.67 -27.56
C GLN A 132 6.03 14.26 -28.40
N GLN A 133 5.88 13.81 -29.65
CA GLN A 133 4.78 14.31 -30.46
C GLN A 133 3.43 13.86 -29.89
N LEU A 134 3.38 12.63 -29.35
CA LEU A 134 2.14 12.17 -28.71
C LEU A 134 1.82 13.01 -27.48
N GLU A 135 2.83 13.38 -26.71
CA GLU A 135 2.60 14.25 -25.56
C GLU A 135 2.14 15.64 -25.99
N ALA A 136 2.70 16.15 -27.08
CA ALA A 136 2.36 17.50 -27.52
C ALA A 136 0.95 17.56 -28.10
N ASP A 137 0.58 16.58 -28.93
CA ASP A 137 -0.71 16.63 -29.62
C ASP A 137 -1.84 16.17 -28.72
N ILE A 138 -1.72 14.99 -28.12
CA ILE A 138 -2.79 14.40 -27.34
C ILE A 138 -2.60 14.63 -25.85
N GLY A 139 -1.42 14.31 -25.32
CA GLY A 139 -1.18 14.38 -23.90
C GLY A 139 -1.11 13.00 -23.28
N ILE A 140 0.04 12.65 -22.71
CA ILE A 140 0.27 11.32 -22.16
C ILE A 140 -0.10 11.33 -20.68
N THR A 141 -1.09 10.52 -20.31
CA THR A 141 -1.54 10.48 -18.93
C THR A 141 -0.49 9.88 -18.00
N LEU A 142 0.19 8.84 -18.45
CA LEU A 142 1.22 8.19 -17.64
C LEU A 142 2.04 7.28 -18.53
N ILE A 143 3.22 6.92 -18.04
CA ILE A 143 4.10 5.96 -18.70
C ILE A 143 4.40 4.86 -17.67
N ALA A 144 3.85 3.67 -17.91
CA ALA A 144 4.08 2.54 -17.03
C ALA A 144 5.30 1.76 -17.48
N VAL A 145 6.14 1.37 -16.52
CA VAL A 145 7.33 0.57 -16.78
C VAL A 145 7.18 -0.72 -15.97
N ASP A 146 6.70 -1.78 -16.61
CA ASP A 146 6.54 -3.06 -15.96
C ASP A 146 7.89 -3.75 -15.83
N GLU A 147 8.01 -4.62 -14.83
CA GLU A 147 9.26 -5.32 -14.54
C GLU A 147 10.41 -4.32 -14.37
N ALA A 148 10.14 -3.25 -13.63
CA ALA A 148 11.09 -2.15 -13.53
C ALA A 148 12.40 -2.58 -12.89
N HIS A 149 12.38 -3.62 -12.06
CA HIS A 149 13.59 -4.12 -11.43
C HIS A 149 14.65 -4.52 -12.45
N CYS A 150 14.24 -4.77 -13.70
CA CYS A 150 15.20 -5.12 -14.75
C CYS A 150 16.16 -3.98 -15.06
N ILE A 151 15.84 -2.75 -14.64
CA ILE A 151 16.76 -1.63 -14.88
C ILE A 151 17.93 -1.62 -13.91
N SER A 152 17.88 -2.44 -12.86
CA SER A 152 18.92 -2.47 -11.84
C SER A 152 19.99 -3.48 -12.23
N GLU A 153 21.24 -3.01 -12.35
CA GLU A 153 22.35 -3.92 -12.59
C GLU A 153 22.69 -4.75 -11.36
N TRP A 154 22.19 -4.36 -10.19
CA TRP A 154 22.43 -5.09 -8.96
C TRP A 154 21.47 -6.27 -8.78
N GLY A 155 20.41 -6.35 -9.60
CA GLY A 155 19.41 -7.37 -9.46
C GLY A 155 19.74 -8.64 -10.24
N HIS A 156 18.79 -9.56 -10.23
CA HIS A 156 19.00 -10.86 -10.87
C HIS A 156 18.76 -10.81 -12.36
N ASP A 157 17.66 -10.18 -12.78
CA ASP A 157 17.25 -10.17 -14.18
C ASP A 157 17.42 -8.77 -14.75
N PHE A 158 18.66 -8.32 -14.87
CA PHE A 158 18.94 -7.04 -15.50
C PHE A 158 18.83 -7.17 -17.01
N ARG A 159 18.18 -6.21 -17.64
CA ARG A 159 18.06 -6.13 -19.08
C ARG A 159 18.69 -4.84 -19.57
N ASP A 160 19.62 -4.95 -20.51
CA ASP A 160 20.28 -3.77 -21.06
C ASP A 160 19.27 -2.84 -21.72
N SER A 161 18.21 -3.40 -22.31
CA SER A 161 17.19 -2.60 -22.99
C SER A 161 16.51 -1.59 -22.07
N PHE A 162 16.63 -1.76 -20.75
CA PHE A 162 16.03 -0.82 -19.82
C PHE A 162 16.90 0.40 -19.56
N ARG A 163 18.21 0.30 -19.83
CA ARG A 163 19.13 1.38 -19.48
C ARG A 163 18.70 2.71 -20.10
N LYS A 164 18.50 2.72 -21.42
CA LYS A 164 18.16 3.96 -22.11
C LYS A 164 16.85 4.56 -21.61
N LEU A 165 16.04 3.78 -20.87
CA LEU A 165 14.82 4.34 -20.29
C LEU A 165 15.10 5.53 -19.39
N GLY A 166 16.34 5.67 -18.92
CA GLY A 166 16.73 6.83 -18.15
C GLY A 166 16.47 8.15 -18.84
N SER A 167 16.32 8.12 -20.18
CA SER A 167 16.07 9.33 -20.94
C SER A 167 14.61 9.76 -20.92
N LEU A 168 13.68 8.88 -20.51
CA LEU A 168 12.27 9.22 -20.53
C LEU A 168 11.99 10.53 -19.81
N LYS A 169 12.30 10.58 -18.52
CA LYS A 169 12.07 11.78 -17.72
C LYS A 169 12.81 12.99 -18.28
N THR A 170 13.90 12.77 -19.04
CA THR A 170 14.59 13.90 -19.65
C THR A 170 13.77 14.51 -20.78
N ALA A 171 13.11 13.67 -21.58
CA ALA A 171 12.38 14.17 -22.74
C ALA A 171 10.94 14.55 -22.42
N LEU A 172 10.35 13.94 -21.39
CA LEU A 172 8.98 14.23 -20.97
C LEU A 172 8.98 14.47 -19.47
N PRO A 173 9.54 15.59 -19.00
CA PRO A 173 9.67 15.80 -17.55
C PRO A 173 8.35 15.99 -16.84
N MET A 174 7.27 16.33 -17.54
CA MET A 174 5.97 16.55 -16.90
C MET A 174 5.06 15.33 -16.97
N VAL A 175 5.48 14.26 -17.64
CA VAL A 175 4.68 13.05 -17.76
C VAL A 175 5.06 12.11 -16.62
N PRO A 176 4.12 11.71 -15.77
CA PRO A 176 4.46 10.82 -14.65
C PRO A 176 4.77 9.41 -15.12
N ILE A 177 5.70 8.77 -14.42
CA ILE A 177 6.12 7.40 -14.69
C ILE A 177 5.66 6.53 -13.53
N VAL A 178 5.07 5.38 -13.85
CA VAL A 178 4.63 4.42 -12.85
C VAL A 178 5.48 3.17 -13.04
N ALA A 179 6.47 2.98 -12.18
CA ALA A 179 7.34 1.82 -12.22
C ALA A 179 6.77 0.72 -11.32
N LEU A 180 6.40 -0.40 -11.91
CA LEU A 180 5.77 -1.50 -11.22
C LEU A 180 6.76 -2.65 -11.06
N THR A 181 6.77 -3.25 -9.87
CA THR A 181 7.64 -4.40 -9.64
C THR A 181 7.02 -5.29 -8.57
N ALA A 182 7.62 -6.47 -8.38
CA ALA A 182 7.17 -7.43 -7.39
C ALA A 182 8.21 -7.75 -6.32
N THR A 183 9.36 -7.08 -6.34
CA THR A 183 10.40 -7.28 -5.34
C THR A 183 10.36 -6.15 -4.32
N ALA A 184 10.48 -6.52 -3.05
CA ALA A 184 10.46 -5.57 -1.95
C ALA A 184 11.84 -5.11 -1.52
N SER A 185 12.86 -5.38 -2.33
CA SER A 185 14.23 -4.98 -1.98
C SER A 185 14.35 -3.46 -2.01
N SER A 186 14.83 -2.90 -0.90
CA SER A 186 14.95 -1.45 -0.81
C SER A 186 16.03 -0.92 -1.75
N SER A 187 17.12 -1.67 -1.91
CA SER A 187 18.17 -1.23 -2.83
C SER A 187 17.71 -1.29 -4.27
N ILE A 188 16.91 -2.31 -4.62
CA ILE A 188 16.33 -2.37 -5.97
C ILE A 188 15.43 -1.17 -6.21
N ARG A 189 14.63 -0.79 -5.22
CA ARG A 189 13.74 0.35 -5.38
C ARG A 189 14.52 1.65 -5.49
N GLU A 190 15.58 1.81 -4.70
CA GLU A 190 16.43 2.98 -4.85
C GLU A 190 17.05 3.03 -6.23
N ASP A 191 17.46 1.87 -6.77
CA ASP A 191 18.02 1.83 -8.12
C ASP A 191 16.97 2.21 -9.16
N ILE A 192 15.73 1.76 -8.96
CA ILE A 192 14.66 2.12 -9.89
C ILE A 192 14.40 3.62 -9.87
N VAL A 193 14.38 4.21 -8.68
CA VAL A 193 14.19 5.65 -8.57
C VAL A 193 15.35 6.40 -9.22
N ARG A 194 16.57 5.90 -9.05
CA ARG A 194 17.74 6.60 -9.55
C ARG A 194 17.85 6.52 -11.08
N CYS A 195 17.74 5.31 -11.63
CA CYS A 195 17.97 5.13 -13.06
C CYS A 195 16.84 5.71 -13.90
N LEU A 196 15.61 5.74 -13.38
CA LEU A 196 14.49 6.34 -14.09
C LEU A 196 14.38 7.84 -13.85
N ASN A 197 15.26 8.42 -13.03
CA ASN A 197 15.28 9.86 -12.76
C ASN A 197 13.92 10.35 -12.24
N LEU A 198 13.30 9.55 -11.40
CA LEU A 198 11.99 9.90 -10.86
C LEU A 198 12.13 11.06 -9.88
N ARG A 199 11.09 11.89 -9.83
CA ARG A 199 11.08 13.11 -9.03
C ARG A 199 10.13 12.93 -7.85
N ASN A 200 10.70 12.75 -6.65
CA ASN A 200 9.98 12.57 -5.40
C ASN A 200 8.74 11.67 -5.59
N PRO A 201 8.95 10.40 -5.95
CA PRO A 201 7.81 9.55 -6.30
C PRO A 201 7.06 9.06 -5.06
N GLN A 202 5.78 8.77 -5.27
CA GLN A 202 5.00 8.07 -4.26
C GLN A 202 5.36 6.59 -4.32
N ILE A 203 5.80 6.04 -3.19
CA ILE A 203 6.27 4.67 -3.11
C ILE A 203 5.24 3.87 -2.30
N THR A 204 4.66 2.85 -2.93
CA THR A 204 3.72 1.96 -2.27
C THR A 204 4.25 0.54 -2.33
N CYS A 205 3.99 -0.22 -1.26
CA CYS A 205 4.45 -1.60 -1.13
C CYS A 205 3.31 -2.42 -0.52
N THR A 206 2.67 -3.26 -1.33
CA THR A 206 1.48 -3.98 -0.90
C THR A 206 1.55 -5.40 -1.43
N GLY A 207 0.49 -6.17 -1.17
CA GLY A 207 0.36 -7.51 -1.71
C GLY A 207 0.89 -8.62 -0.83
N PHE A 208 1.06 -8.39 0.46
CA PHE A 208 1.58 -9.40 1.38
C PHE A 208 0.44 -10.04 2.17
N ASP A 209 0.70 -11.26 2.63
CA ASP A 209 -0.12 -11.90 3.65
C ASP A 209 0.61 -12.07 4.97
N ARG A 210 1.92 -11.84 5.01
CA ARG A 210 2.77 -11.85 6.21
C ARG A 210 2.49 -13.08 7.06
N PRO A 211 2.88 -14.28 6.61
CA PRO A 211 2.51 -15.50 7.34
C PRO A 211 3.09 -15.58 8.75
N ASN A 212 4.11 -14.78 9.06
CA ASN A 212 4.77 -14.82 10.36
C ASN A 212 4.15 -13.89 11.39
N LEU A 213 3.01 -13.27 11.07
CA LEU A 213 2.31 -12.38 11.99
C LEU A 213 1.05 -13.08 12.50
N TYR A 214 0.93 -13.18 13.82
CA TYR A 214 -0.28 -13.71 14.45
C TYR A 214 -1.14 -12.56 14.92
N LEU A 215 -2.43 -12.60 14.60
CA LEU A 215 -3.35 -11.51 14.87
C LEU A 215 -4.33 -11.90 15.97
N GLU A 216 -4.63 -10.96 16.86
CA GLU A 216 -5.56 -11.22 17.94
C GLU A 216 -6.15 -9.90 18.43
N VAL A 217 -7.42 -9.96 18.83
CA VAL A 217 -8.14 -8.81 19.36
C VAL A 217 -8.70 -9.19 20.73
N ARG A 218 -8.45 -8.35 21.73
CA ARG A 218 -8.91 -8.57 23.10
C ARG A 218 -9.63 -7.33 23.59
N ARG A 219 -10.56 -7.54 24.53
CA ARG A 219 -11.27 -6.46 25.18
C ARG A 219 -10.47 -5.97 26.38
N LYS A 220 -10.51 -4.65 26.62
CA LYS A 220 -9.82 -4.07 27.76
C LYS A 220 -10.52 -4.45 29.06
N THR A 221 -9.73 -4.54 30.13
CA THR A 221 -10.28 -4.72 31.46
C THR A 221 -10.46 -3.39 32.21
N GLY A 222 -9.86 -2.32 31.71
CA GLY A 222 -9.89 -1.02 32.36
C GLY A 222 -8.63 -0.69 33.13
N ASN A 223 -7.83 -1.70 33.48
CA ASN A 223 -6.58 -1.50 34.22
C ASN A 223 -5.43 -1.73 33.25
N ILE A 224 -4.56 -0.73 33.11
CA ILE A 224 -3.49 -0.78 32.12
C ILE A 224 -2.54 -1.93 32.42
N LEU A 225 -2.07 -2.02 33.67
CA LEU A 225 -1.12 -3.07 34.02
C LEU A 225 -1.74 -4.45 33.93
N GLN A 226 -3.03 -4.58 34.28
CA GLN A 226 -3.71 -5.86 34.11
C GLN A 226 -3.83 -6.22 32.65
N ASP A 227 -4.03 -5.22 31.79
CA ASP A 227 -4.12 -5.48 30.35
C ASP A 227 -2.78 -5.91 29.78
N LEU A 228 -1.69 -5.31 30.24
CA LEU A 228 -0.37 -5.54 29.66
C LEU A 228 0.42 -6.64 30.35
N GLN A 229 -0.06 -7.15 31.49
CA GLN A 229 0.66 -8.21 32.19
C GLN A 229 0.88 -9.46 31.36
N PRO A 230 -0.08 -9.96 30.57
CA PRO A 230 0.19 -11.17 29.78
C PRO A 230 1.35 -11.06 28.81
N PHE A 231 1.75 -9.83 28.44
CA PHE A 231 2.85 -9.62 27.51
C PHE A 231 4.19 -9.46 28.23
N LEU A 232 4.24 -9.70 29.54
CA LEU A 232 5.46 -9.52 30.31
C LEU A 232 5.90 -10.87 30.90
N VAL A 233 7.18 -10.94 31.25
CA VAL A 233 7.74 -12.14 31.86
C VAL A 233 8.33 -11.79 33.22
N HIS A 238 14.17 -7.83 35.76
CA HIS A 238 13.10 -8.52 36.48
C HIS A 238 11.90 -8.70 35.55
N TRP A 239 11.15 -7.63 35.35
CA TRP A 239 10.06 -7.61 34.38
C TRP A 239 10.57 -7.12 33.03
N GLU A 240 10.11 -7.77 31.97
CA GLU A 240 10.47 -7.36 30.61
C GLU A 240 9.53 -8.05 29.63
N PHE A 241 9.42 -7.46 28.45
CA PHE A 241 8.63 -8.05 27.37
C PHE A 241 9.35 -9.26 26.80
N GLU A 242 8.59 -10.07 26.04
CA GLU A 242 9.19 -11.22 25.39
C GLU A 242 10.18 -10.81 24.30
N GLY A 243 9.99 -9.64 23.71
CA GLY A 243 10.89 -9.12 22.72
C GLY A 243 10.68 -7.64 22.49
N PRO A 244 11.35 -7.08 21.48
CA PRO A 244 11.13 -5.67 21.14
C PRO A 244 9.67 -5.42 20.79
N THR A 245 9.08 -4.41 21.42
CA THR A 245 7.64 -4.20 21.37
C THR A 245 7.31 -2.75 21.07
N ILE A 246 6.29 -2.55 20.24
CA ILE A 246 5.71 -1.24 19.99
C ILE A 246 4.30 -1.24 20.52
N ILE A 247 3.93 -0.18 21.25
CA ILE A 247 2.58 0.02 21.75
C ILE A 247 2.06 1.32 21.15
N TYR A 248 1.10 1.20 20.23
CA TYR A 248 0.46 2.36 19.63
C TYR A 248 -0.70 2.82 20.50
N CYS A 249 -0.68 4.10 20.88
CA CYS A 249 -1.75 4.70 21.65
C CYS A 249 -2.47 5.77 20.84
N PRO A 250 -3.75 6.02 21.12
CA PRO A 250 -4.49 7.01 20.32
C PRO A 250 -4.16 8.45 20.66
N SER A 251 -3.55 8.72 21.83
CA SER A 251 -3.27 10.08 22.23
C SER A 251 -1.99 10.12 23.05
N ARG A 252 -1.41 11.31 23.15
CA ARG A 252 -0.20 11.47 23.96
C ARG A 252 -0.47 11.29 25.44
N LYS A 253 -1.69 11.63 25.89
CA LYS A 253 -2.06 11.44 27.29
C LYS A 253 -2.06 9.95 27.65
N MET A 254 -2.70 9.13 26.82
CA MET A 254 -2.68 7.70 27.05
C MET A 254 -1.28 7.12 26.88
N THR A 255 -0.50 7.69 25.96
CA THR A 255 0.91 7.27 25.83
C THR A 255 1.66 7.48 27.14
N GLN A 256 1.49 8.66 27.76
CA GLN A 256 2.17 8.95 29.01
C GLN A 256 1.67 8.06 30.14
N GLN A 257 0.36 7.81 30.18
CA GLN A 257 -0.19 6.91 31.19
C GLN A 257 0.42 5.51 31.06
N VAL A 258 0.45 4.98 29.84
CA VAL A 258 1.00 3.65 29.61
C VAL A 258 2.49 3.61 29.96
N THR A 259 3.22 4.66 29.60
CA THR A 259 4.65 4.70 29.88
C THR A 259 4.91 4.73 31.37
N GLY A 260 4.16 5.54 32.12
CA GLY A 260 4.31 5.57 33.57
C GLY A 260 3.96 4.25 34.21
N GLU A 261 2.88 3.61 33.75
CA GLU A 261 2.50 2.32 34.30
C GLU A 261 3.57 1.27 34.04
N LEU A 262 4.14 1.25 32.83
CA LEU A 262 5.18 0.28 32.53
C LEU A 262 6.46 0.56 33.31
N ARG A 263 6.78 1.84 33.52
CA ARG A 263 7.95 2.21 34.30
C ARG A 263 7.77 1.98 35.79
N LYS A 264 6.53 1.83 36.26
CA LYS A 264 6.32 1.34 37.62
C LYS A 264 6.95 -0.03 37.83
N LEU A 265 7.09 -0.81 36.76
CA LEU A 265 7.72 -2.13 36.81
C LEU A 265 9.17 -2.09 36.35
N ASN A 266 9.77 -0.90 36.28
CA ASN A 266 11.17 -0.73 35.87
C ASN A 266 11.41 -1.26 34.46
N LEU A 267 10.44 -1.05 33.57
CA LEU A 267 10.58 -1.46 32.19
C LEU A 267 11.39 -0.42 31.40
N SER A 268 12.26 -0.91 30.53
CA SER A 268 13.08 -0.04 29.68
C SER A 268 12.25 0.31 28.46
N CYS A 269 11.72 1.53 28.41
CA CYS A 269 10.85 1.94 27.32
C CYS A 269 11.00 3.43 27.07
N GLY A 270 10.43 3.88 25.96
CA GLY A 270 10.53 5.26 25.56
C GLY A 270 9.31 5.70 24.77
N THR A 271 8.98 6.99 24.90
CA THR A 271 7.84 7.56 24.20
C THR A 271 8.25 8.07 22.82
N TYR A 272 7.25 8.16 21.93
CA TYR A 272 7.50 8.52 20.53
C TYR A 272 6.22 9.18 20.00
N HIS A 273 6.17 10.51 20.08
CA HIS A 273 5.02 11.27 19.62
C HIS A 273 5.49 12.54 18.91
N ALA A 274 4.55 13.17 18.20
CA ALA A 274 4.87 14.34 17.39
C ALA A 274 5.19 15.58 18.23
N GLY A 275 4.89 15.56 19.53
CA GLY A 275 5.21 16.68 20.39
C GLY A 275 6.66 16.82 20.77
N MET A 276 7.50 15.88 20.37
CA MET A 276 8.92 15.90 20.66
C MET A 276 9.68 16.49 19.48
N SER A 277 10.97 16.80 19.71
CA SER A 277 11.79 17.35 18.65
C SER A 277 12.37 16.23 17.78
N PHE A 278 12.86 16.62 16.60
CA PHE A 278 13.41 15.64 15.66
C PHE A 278 14.55 14.86 16.28
N SER A 279 15.46 15.55 16.98
CA SER A 279 16.63 14.88 17.55
C SER A 279 16.22 13.86 18.60
N THR A 280 15.23 14.19 19.42
CA THR A 280 14.79 13.27 20.47
C THR A 280 14.15 12.02 19.86
N ARG A 281 13.35 12.19 18.80
CA ARG A 281 12.73 11.03 18.17
C ARG A 281 13.78 10.17 17.47
N LYS A 282 14.78 10.80 16.86
CA LYS A 282 15.86 10.03 16.25
C LYS A 282 16.66 9.27 17.31
N ASP A 283 16.87 9.89 18.47
CA ASP A 283 17.57 9.20 19.55
C ASP A 283 16.77 8.02 20.08
N ILE A 284 15.46 8.21 20.26
CA ILE A 284 14.60 7.11 20.71
C ILE A 284 14.61 5.97 19.70
N HIS A 285 14.54 6.30 18.41
CA HIS A 285 14.59 5.27 17.37
C HIS A 285 15.92 4.53 17.39
N HIS A 286 17.03 5.25 17.52
CA HIS A 286 18.34 4.62 17.55
C HIS A 286 18.48 3.70 18.76
N ARG A 287 18.01 4.14 19.92
CA ARG A 287 18.09 3.29 21.10
C ARG A 287 17.15 2.09 21.01
N PHE A 288 16.04 2.23 20.29
CA PHE A 288 15.16 1.08 20.07
C PHE A 288 15.82 0.06 19.16
N VAL A 289 16.46 0.53 18.07
CA VAL A 289 17.15 -0.39 17.18
C VAL A 289 18.32 -1.06 17.90
N ARG A 290 19.05 -0.30 18.71
CA ARG A 290 20.19 -0.83 19.46
C ARG A 290 19.77 -1.68 20.65
N ASP A 291 18.46 -1.81 20.91
CA ASP A 291 17.91 -2.62 21.99
C ASP A 291 18.26 -2.09 23.38
N GLU A 292 18.65 -0.83 23.50
CA GLU A 292 18.77 -0.25 24.83
C GLU A 292 17.42 -0.11 25.49
N ILE A 293 16.41 0.30 24.73
CA ILE A 293 15.02 0.31 25.19
C ILE A 293 14.31 -0.86 24.53
N GLN A 294 13.48 -1.55 25.31
CA GLN A 294 12.79 -2.73 24.83
C GLN A 294 11.42 -2.41 24.23
N CYS A 295 10.79 -1.30 24.65
CA CYS A 295 9.45 -0.96 24.22
C CYS A 295 9.38 0.51 23.84
N VAL A 296 8.64 0.78 22.76
CA VAL A 296 8.37 2.14 22.32
C VAL A 296 6.87 2.36 22.35
N ILE A 297 6.43 3.35 23.13
CA ILE A 297 5.03 3.73 23.21
C ILE A 297 4.86 4.96 22.33
N ALA A 298 4.08 4.83 21.26
CA ALA A 298 4.09 5.80 20.18
C ALA A 298 2.68 6.23 19.80
N THR A 299 2.58 7.49 19.37
CA THR A 299 1.43 8.01 18.64
C THR A 299 1.95 8.56 17.31
N ILE A 300 1.62 7.89 16.22
CA ILE A 300 2.13 8.28 14.91
C ILE A 300 1.29 9.41 14.32
N GLY A 305 7.30 6.72 11.93
CA GLY A 305 8.08 5.73 11.20
C GLY A 305 9.15 5.07 12.03
N ILE A 306 8.82 3.90 12.59
CA ILE A 306 9.75 3.13 13.41
C ILE A 306 10.22 1.95 12.58
N ASN A 307 11.49 1.96 12.20
CA ASN A 307 12.07 0.94 11.32
C ASN A 307 13.03 0.07 12.12
N LYS A 308 12.63 -1.17 12.37
CA LYS A 308 13.44 -2.12 13.12
C LYS A 308 13.14 -3.52 12.60
N ALA A 309 14.17 -4.35 12.49
CA ALA A 309 14.03 -5.64 11.83
C ALA A 309 13.40 -6.71 12.72
N ASP A 310 13.67 -6.67 14.03
CA ASP A 310 13.25 -7.76 14.90
C ASP A 310 12.20 -7.33 15.93
N ILE A 311 11.13 -6.72 15.47
CA ILE A 311 10.02 -6.37 16.35
C ILE A 311 9.13 -7.60 16.53
N ARG A 312 9.05 -8.08 17.77
CA ARG A 312 8.31 -9.32 18.06
C ARG A 312 6.87 -9.08 18.47
N GLN A 313 6.52 -7.89 18.95
CA GLN A 313 5.18 -7.64 19.45
C GLN A 313 4.73 -6.23 19.11
N VAL A 314 3.54 -6.13 18.51
CA VAL A 314 2.84 -4.86 18.32
C VAL A 314 1.54 -4.93 19.10
N ILE A 315 1.26 -3.88 19.87
CA ILE A 315 0.05 -3.80 20.69
C ILE A 315 -0.58 -2.45 20.44
N HIS A 316 -1.81 -2.46 19.94
CA HIS A 316 -2.63 -1.26 19.86
C HIS A 316 -3.42 -1.14 21.16
N TYR A 317 -2.98 -0.23 22.05
CA TYR A 317 -3.72 0.00 23.29
C TYR A 317 -4.80 1.02 22.99
N GLY A 318 -5.98 0.52 22.67
CA GLY A 318 -7.08 1.30 22.17
C GLY A 318 -7.39 0.93 20.73
N ALA A 319 -8.63 1.16 20.32
CA ALA A 319 -9.02 0.89 18.95
C ALA A 319 -8.17 1.73 18.00
N PRO A 320 -7.68 1.15 16.90
CA PRO A 320 -6.87 1.94 15.96
C PRO A 320 -7.72 3.01 15.29
N LYS A 321 -7.04 3.91 14.58
CA LYS A 321 -7.73 5.01 13.91
C LYS A 321 -8.61 4.49 12.78
N ASP A 322 -8.03 3.69 11.88
CA ASP A 322 -8.78 3.09 10.78
C ASP A 322 -7.97 1.92 10.25
N MET A 323 -8.52 1.24 9.24
CA MET A 323 -7.87 0.04 8.71
C MET A 323 -6.54 0.36 8.03
N GLU A 324 -6.40 1.55 7.45
CA GLU A 324 -5.17 1.88 6.75
C GLU A 324 -4.02 2.12 7.72
N SER A 325 -4.25 2.96 8.74
CA SER A 325 -3.21 3.19 9.74
C SER A 325 -2.89 1.93 10.50
N TYR A 326 -3.90 1.13 10.82
CA TYR A 326 -3.69 -0.16 11.49
C TYR A 326 -2.85 -1.09 10.63
N TYR A 327 -3.18 -1.17 9.33
CA TYR A 327 -2.39 -1.91 8.36
C TYR A 327 -0.93 -1.50 8.41
N GLN A 328 -0.67 -0.20 8.23
CA GLN A 328 0.71 0.30 8.22
C GLN A 328 1.42 0.07 9.55
N GLU A 329 0.69 0.13 10.66
CA GLU A 329 1.31 0.06 11.98
C GLU A 329 1.65 -1.37 12.37
N ILE A 330 0.78 -2.33 12.06
CA ILE A 330 1.16 -3.72 12.32
C ILE A 330 2.11 -4.26 11.27
N GLY A 331 2.20 -3.63 10.09
CA GLY A 331 3.21 -4.04 9.13
C GLY A 331 4.63 -3.84 9.59
N ARG A 332 4.84 -3.01 10.61
CA ARG A 332 6.18 -2.76 11.13
C ARG A 332 6.80 -3.97 11.82
N ALA A 333 5.97 -4.95 12.20
CA ALA A 333 6.44 -6.08 12.99
C ALA A 333 6.96 -7.21 12.12
N GLY A 334 7.88 -7.99 12.69
CA GLY A 334 8.34 -9.22 12.07
C GLY A 334 8.96 -9.06 10.69
N ARG A 335 9.71 -7.99 10.47
CA ARG A 335 10.32 -7.79 9.15
C ARG A 335 11.46 -8.75 8.88
N ASP A 336 12.00 -9.40 9.91
CA ASP A 336 13.03 -10.41 9.74
C ASP A 336 12.48 -11.77 9.35
N GLY A 337 11.16 -11.91 9.25
CA GLY A 337 10.55 -13.17 8.87
C GLY A 337 10.31 -14.13 10.01
N LEU A 338 10.67 -13.76 11.24
CA LEU A 338 10.46 -14.62 12.40
C LEU A 338 9.09 -14.36 13.01
N GLN A 339 8.65 -15.30 13.85
CA GLN A 339 7.31 -15.26 14.40
C GLN A 339 7.11 -14.01 15.26
N SER A 340 6.01 -13.30 15.01
CA SER A 340 5.65 -12.11 15.76
C SER A 340 4.16 -12.13 16.04
N SER A 341 3.71 -11.20 16.88
CA SER A 341 2.31 -11.13 17.26
C SER A 341 1.85 -9.68 17.26
N CYS A 342 0.57 -9.49 16.87
CA CYS A 342 -0.06 -8.18 16.81
C CYS A 342 -1.40 -8.27 17.53
N HIS A 343 -1.49 -7.63 18.69
CA HIS A 343 -2.68 -7.63 19.53
C HIS A 343 -3.29 -6.24 19.59
N VAL A 344 -4.61 -6.18 19.47
CA VAL A 344 -5.37 -4.95 19.69
C VAL A 344 -6.18 -5.14 20.97
N LEU A 345 -6.03 -4.19 21.89
CA LEU A 345 -6.85 -4.13 23.11
C LEU A 345 -7.80 -2.95 22.95
N TRP A 346 -9.09 -3.21 22.98
CA TRP A 346 -10.07 -2.19 22.63
C TRP A 346 -11.26 -2.25 23.58
N ALA A 347 -12.06 -1.19 23.53
CA ALA A 347 -13.34 -1.08 24.22
C ALA A 347 -14.24 -0.19 23.37
N PRO A 348 -15.55 -0.44 23.38
CA PRO A 348 -16.45 0.38 22.57
C PRO A 348 -16.38 1.87 22.87
N ALA A 349 -15.94 2.25 24.08
CA ALA A 349 -15.86 3.65 24.47
C ALA A 349 -14.52 4.29 24.09
N ASP A 350 -13.71 3.62 23.29
CA ASP A 350 -12.42 4.18 22.89
C ASP A 350 -12.62 5.41 22.01
N ILE A 351 -11.58 6.26 21.97
CA ILE A 351 -11.69 7.54 21.29
C ILE A 351 -11.95 7.34 19.80
N ASN A 352 -11.23 6.40 19.17
CA ASN A 352 -11.36 6.22 17.73
C ASN A 352 -12.66 5.55 17.33
N LEU A 353 -13.53 5.21 18.28
CA LEU A 353 -14.87 4.73 17.98
C LEU A 353 -15.95 5.72 18.42
N ASN A 354 -15.56 6.95 18.76
CA ASN A 354 -16.50 7.95 19.27
C ASN A 354 -17.00 8.75 18.08
N ARG A 355 -18.26 8.51 17.70
CA ARG A 355 -18.85 9.23 16.56
C ARG A 355 -19.09 10.69 16.89
N HIS A 356 -19.27 11.01 18.18
CA HIS A 356 -19.56 12.38 18.56
C HIS A 356 -18.40 13.31 18.20
N LEU A 357 -17.19 12.78 18.10
CA LEU A 357 -16.04 13.57 17.72
C LEU A 357 -16.03 13.92 16.24
N LEU A 358 -16.99 13.43 15.46
CA LEU A 358 -17.09 13.72 14.05
C LEU A 358 -18.24 14.66 13.71
N THR A 359 -19.05 15.04 14.69
CA THR A 359 -20.23 15.86 14.41
C THR A 359 -19.90 17.27 13.96
N GLU A 360 -18.66 17.72 14.18
CA GLU A 360 -18.28 19.08 13.82
C GLU A 360 -17.62 19.19 12.45
N ILE A 361 -17.37 18.06 11.78
CA ILE A 361 -16.78 18.10 10.45
C ILE A 361 -17.76 18.76 9.48
N ARG A 362 -17.25 19.70 8.68
CA ARG A 362 -18.10 20.46 7.78
C ARG A 362 -18.25 19.79 6.41
N ASN A 363 -17.15 19.28 5.86
CA ASN A 363 -17.19 18.57 4.57
C ASN A 363 -18.00 17.29 4.75
N GLU A 364 -19.16 17.22 4.10
CA GLU A 364 -20.05 16.08 4.30
C GLU A 364 -19.43 14.80 3.77
N LYS A 365 -18.70 14.87 2.65
CA LYS A 365 -18.02 13.69 2.14
C LYS A 365 -16.97 13.20 3.12
N PHE A 366 -16.21 14.11 3.72
CA PHE A 366 -15.20 13.70 4.69
C PHE A 366 -15.84 13.15 5.97
N ARG A 367 -16.98 13.72 6.37
CA ARG A 367 -17.69 13.18 7.53
C ARG A 367 -18.16 11.76 7.27
N LEU A 368 -18.73 11.52 6.09
CA LEU A 368 -19.15 10.17 5.73
C LEU A 368 -17.96 9.23 5.67
N TYR A 369 -16.82 9.70 5.16
CA TYR A 369 -15.63 8.86 5.10
C TYR A 369 -15.16 8.47 6.49
N LYS A 370 -15.10 9.44 7.40
CA LYS A 370 -14.67 9.14 8.77
C LYS A 370 -15.63 8.17 9.45
N LEU A 371 -16.94 8.37 9.25
CA LEU A 371 -17.92 7.46 9.83
C LEU A 371 -17.77 6.05 9.27
N LYS A 372 -17.57 5.93 7.95
CA LYS A 372 -17.39 4.63 7.33
C LYS A 372 -16.15 3.91 7.85
N MET A 373 -15.04 4.64 7.96
CA MET A 373 -13.81 4.03 8.46
C MET A 373 -13.96 3.61 9.93
N MET A 374 -14.61 4.44 10.74
CA MET A 374 -14.86 4.08 12.13
C MET A 374 -15.71 2.81 12.22
N ALA A 375 -16.77 2.74 11.42
CA ALA A 375 -17.66 1.58 11.44
C ALA A 375 -16.92 0.32 10.99
N LYS A 376 -16.12 0.43 9.93
CA LYS A 376 -15.38 -0.74 9.45
C LYS A 376 -14.36 -1.21 10.48
N MET A 377 -13.69 -0.27 11.14
CA MET A 377 -12.74 -0.65 12.19
C MET A 377 -13.45 -1.40 13.32
N GLU A 378 -14.62 -0.88 13.75
CA GLU A 378 -15.35 -1.55 14.81
C GLU A 378 -15.84 -2.93 14.39
N LYS A 379 -16.27 -3.06 13.12
CA LYS A 379 -16.73 -4.35 12.63
C LYS A 379 -15.58 -5.36 12.55
N TYR A 380 -14.38 -4.89 12.21
CA TYR A 380 -13.22 -5.77 12.28
C TYR A 380 -12.95 -6.20 13.72
N LEU A 381 -13.01 -5.26 14.67
CA LEU A 381 -12.70 -5.58 16.05
C LEU A 381 -13.71 -6.57 16.64
N HIS A 382 -14.98 -6.43 16.27
CA HIS A 382 -16.04 -7.27 16.83
C HIS A 382 -16.24 -8.56 16.06
N SER A 383 -15.62 -8.71 14.89
CA SER A 383 -15.91 -9.84 14.02
C SER A 383 -15.40 -11.14 14.63
N SER A 384 -16.10 -12.24 14.34
CA SER A 384 -15.64 -13.58 14.68
C SER A 384 -14.91 -14.25 13.52
N ARG A 385 -14.82 -13.59 12.37
CA ARG A 385 -14.20 -14.14 11.17
C ARG A 385 -12.68 -13.98 11.23
N CYS A 386 -12.00 -14.67 10.30
CA CYS A 386 -10.55 -14.62 10.23
C CYS A 386 -10.07 -13.19 10.00
N ARG A 387 -9.20 -12.70 10.89
CA ARG A 387 -8.72 -11.33 10.79
C ARG A 387 -7.92 -11.11 9.51
N ARG A 388 -7.03 -12.05 9.18
CA ARG A 388 -6.23 -11.94 7.97
C ARG A 388 -7.12 -11.92 6.73
N GLN A 389 -8.19 -12.71 6.73
CA GLN A 389 -9.12 -12.70 5.61
C GLN A 389 -9.79 -11.34 5.46
N ILE A 390 -10.18 -10.72 6.58
CA ILE A 390 -10.78 -9.40 6.54
C ILE A 390 -9.80 -8.39 5.95
N ILE A 391 -8.55 -8.41 6.43
CA ILE A 391 -7.55 -7.47 5.94
C ILE A 391 -7.33 -7.64 4.44
N LEU A 392 -7.12 -8.89 4.01
CA LEU A 392 -6.84 -9.15 2.60
C LEU A 392 -8.04 -8.83 1.72
N SER A 393 -9.26 -9.03 2.22
CA SER A 393 -10.45 -8.69 1.44
C SER A 393 -10.59 -7.17 1.32
N HIS A 394 -10.22 -6.43 2.36
CA HIS A 394 -10.32 -4.97 2.27
C HIS A 394 -9.26 -4.38 1.36
N PHE A 395 -8.04 -4.94 1.37
CA PHE A 395 -6.93 -4.30 0.71
C PHE A 395 -6.55 -4.90 -0.63
N GLU A 396 -6.77 -6.19 -0.85
CA GLU A 396 -6.29 -6.87 -2.05
C GLU A 396 -7.46 -7.41 -2.87
N ASP A 397 -7.23 -7.56 -4.17
CA ASP A 397 -8.23 -8.19 -5.02
C ASP A 397 -8.24 -9.71 -4.80
N LYS A 398 -9.25 -10.36 -5.39
CA LYS A 398 -9.46 -11.78 -5.14
C LYS A 398 -8.27 -12.62 -5.59
N GLN A 399 -7.64 -12.23 -6.70
CA GLN A 399 -6.49 -13.01 -7.19
C GLN A 399 -5.33 -12.97 -6.21
N VAL A 400 -5.13 -11.83 -5.54
CA VAL A 400 -4.09 -11.74 -4.53
C VAL A 400 -4.47 -12.55 -3.30
N GLN A 401 -5.75 -12.54 -2.93
CA GLN A 401 -6.19 -13.30 -1.76
C GLN A 401 -6.00 -14.80 -1.98
N LYS A 402 -6.36 -15.30 -3.17
CA LYS A 402 -6.22 -16.73 -3.44
C LYS A 402 -4.76 -17.17 -3.54
N ALA A 403 -3.84 -16.24 -3.80
CA ALA A 403 -2.42 -16.58 -3.82
C ALA A 403 -1.86 -16.82 -2.42
N SER A 404 -2.62 -16.53 -1.37
CA SER A 404 -2.18 -16.74 0.00
C SER A 404 -2.52 -18.15 0.43
N LEU A 405 -1.51 -18.92 0.80
CA LEU A 405 -1.69 -20.28 1.27
C LEU A 405 -0.69 -20.57 2.39
N GLY A 406 -1.07 -21.47 3.29
CA GLY A 406 -0.20 -21.94 4.34
C GLY A 406 -0.36 -21.26 5.68
N ILE A 407 -1.09 -20.15 5.76
CA ILE A 407 -1.28 -19.42 7.01
C ILE A 407 -2.75 -19.35 7.41
N MET A 408 -3.62 -18.95 6.48
CA MET A 408 -5.03 -18.81 6.81
C MET A 408 -5.65 -20.17 7.10
N GLY A 409 -6.47 -20.23 8.14
CA GLY A 409 -7.08 -21.46 8.58
C GLY A 409 -6.26 -22.28 9.54
N THR A 410 -5.04 -21.87 9.86
CA THR A 410 -4.20 -22.57 10.81
C THR A 410 -4.19 -21.84 12.16
N GLU A 411 -3.67 -22.52 13.17
CA GLU A 411 -3.68 -21.96 14.52
C GLU A 411 -2.66 -20.85 14.71
N LYS A 412 -1.75 -20.64 13.78
CA LYS A 412 -0.82 -19.52 13.83
C LYS A 412 -1.32 -18.30 13.08
N CYS A 413 -2.52 -18.37 12.49
CA CYS A 413 -3.06 -17.26 11.71
C CYS A 413 -3.59 -16.16 12.62
N CYS A 414 -4.70 -16.43 13.30
CA CYS A 414 -5.34 -15.43 14.14
C CYS A 414 -6.11 -16.13 15.25
N ASP A 415 -6.67 -15.32 16.15
CA ASP A 415 -7.40 -15.86 17.29
C ASP A 415 -8.69 -16.56 16.87
N ASN A 416 -9.32 -16.11 15.80
CA ASN A 416 -10.59 -16.71 15.39
C ASN A 416 -10.39 -18.04 14.67
N CYS A 417 -9.37 -18.14 13.81
CA CYS A 417 -9.00 -19.44 13.26
C CYS A 417 -8.65 -20.42 14.37
N ARG A 418 -7.91 -19.94 15.37
CA ARG A 418 -7.52 -20.79 16.50
C ARG A 418 -8.74 -21.27 17.27
N SER A 419 -9.70 -20.37 17.52
CA SER A 419 -10.91 -20.76 18.23
C SER A 419 -11.77 -21.71 17.41
N ARG A 420 -11.76 -21.57 16.08
CA ARG A 420 -12.50 -22.51 15.24
C ARG A 420 -11.80 -23.84 15.11
N LEU A 421 -10.50 -23.91 15.38
CA LEU A 421 -9.84 -25.21 15.46
C LEU A 421 -10.06 -25.87 16.82
N ASP A 422 -10.05 -25.08 17.89
CA ASP A 422 -10.31 -25.61 19.23
C ASP A 422 -11.79 -25.97 19.36
N HIS A 423 -12.13 -26.55 20.51
CA HIS A 423 -13.49 -27.03 20.72
C HIS A 423 -14.48 -25.87 20.72
N CYS A 424 -15.59 -26.04 20.01
CA CYS A 424 -16.61 -25.01 19.88
C CYS A 424 -17.93 -25.48 20.47
C4 A1CA4 B . 3.27 1.90 1.88
C6 A1CA4 B . 1.96 1.23 2.29
C7 A1CA4 B . 0.99 1.28 1.11
C8 A1CA4 B . -0.41 1.77 1.47
C10 A1CA4 B . -2.85 1.78 0.83
C13 A1CA4 B . -0.82 1.32 2.87
C15 A1CA4 B . 2.30 -0.59 3.87
C17 A1CA4 B . 2.80 -2.01 4.04
C20 A1CA4 B . 4.47 -4.03 5.33
C21 A1CA4 B . 4.83 -3.51 3.95
C22 A1CA4 B . 4.32 -2.08 3.77
C24 A1CA4 B . 6.14 -0.50 4.20
C26 A1CA4 B . 6.81 0.37 5.23
C1 A1CA4 B . 4.89 3.71 2.21
C11 A1CA4 B . -3.24 1.36 2.24
C12 A1CA4 B . -2.21 1.80 3.25
C18 A1CA4 B . 2.47 -2.59 5.41
C27 A1CA4 B . 8.12 -0.23 5.71
C29 A1CA4 B . 7.50 -2.09 7.26
C3 A1CA4 B . 2.88 3.55 3.63
C32 A1CA4 B . 7.89 -3.87 5.94
C33 A1CA4 B . 8.02 -5.13 5.38
C34 A1CA4 B . 8.49 -5.22 4.08
C35 A1CA4 B . 8.83 -4.08 3.35
C36 A1CA4 B . 8.70 -2.82 3.92
C37 A1CA4 B . 8.24 -2.72 5.22
C38 A1CA4 B . 2.29 -5.03 5.86
C40 A1CA4 B . 0.80 -4.81 6.09
C41 A1CA4 B . 0.07 -6.11 6.35
C42 A1CA4 B . -0.36 -6.47 7.61
C43 A1CA4 B . -1.03 -7.67 7.82
C44 A1CA4 B . -1.29 -8.53 6.77
C45 A1CA4 B . -2.02 -9.84 7.00
C46 A1CA4 B . -0.86 -8.18 5.50
C47 A1CA4 B . -0.20 -6.99 5.32
C9 A1CA4 B . -1.45 1.30 0.47
F48 A1CA4 B . 0.23 -6.68 4.08
N14 A1CA4 B . 2.30 -0.14 2.62
N19 A1CA4 B . 3.02 -3.94 5.55
N2 A1CA4 B . 3.66 3.00 2.54
N23 A1CA4 B . 5.06 -1.17 4.63
N28 A1CA4 B . 7.98 -1.64 6.05
N31 A1CA4 B . 7.45 -3.45 7.19
O16 A1CA4 B . 1.93 0.08 4.83
O25 A1CA4 B . 6.56 -0.59 3.06
O30 A1CA4 B . 7.18 -1.39 8.20
O39 A1CA4 B . 2.77 -6.14 5.94
O5 A1CA4 B . 3.95 1.42 0.99
ZN ZN C . -7.20 -16.41 10.50
#